data_6G1I
#
_entry.id   6G1I
#
_cell.length_a   71.140
_cell.length_b   74.173
_cell.length_c   77.328
_cell.angle_alpha   90.00
_cell.angle_beta   90.00
_cell.angle_gamma   90.00
#
_symmetry.space_group_name_H-M   'P 21 21 21'
#
loop_
_entity.id
_entity.type
_entity.pdbx_description
1 polymer 'Glycosyl Hydrolase'
2 branched beta-D-glucopyranose-(1-4)-beta-D-glucopyranose-(1-4)-beta-D-glucopyranose-(1-4)-beta-D-fructofuranose
3 branched beta-D-glucopyranose-(1-4)-beta-D-glucopyranose-(1-4)-beta-D-glucopyranose-(1-4)-beta-D-glucopyranose
4 non-polymer 'MANGANESE (II) ION'
5 non-polymer 'MALONIC ACID'
6 water water
#
_entity_poly.entity_id   1
_entity_poly.type   'polypeptide(L)'
_entity_poly.pdbx_seq_one_letter_code
;GPAPANTQSGILNDGYFPPGTSKHELIARASSLKVSEVKAIIKKQVDEHWDVIRDVCGFKNKEVAYAFFFGMATRESTFR
AATETGSGASHAFGPLQTAETAYANANPNYMPEHNVPEMHQYDFTEYNFYDVGISV(OHI)MGIRHFLHFARLAKEKYSG
RDIARHGLMGYNTGWIDGADESWIVRYADETAALGAWYLRNNHMSDDEFTWDTDPRVDRSNPWEIYY
;
_entity_poly.pdbx_strand_id   A,B
#
# COMPACT_ATOMS: atom_id res chain seq x y z
N ASP A 14 1.47 -23.51 9.45
CA ASP A 14 1.02 -22.13 9.40
C ASP A 14 1.34 -21.40 8.12
N GLY A 15 2.35 -21.87 7.39
CA GLY A 15 2.82 -21.16 6.21
C GLY A 15 1.76 -21.22 5.13
N TYR A 16 1.46 -20.10 4.50
CA TYR A 16 0.42 -20.06 3.48
C TYR A 16 0.99 -20.29 2.07
N PHE A 17 1.92 -19.42 1.68
CA PHE A 17 2.51 -19.48 0.38
C PHE A 17 3.60 -20.50 0.31
N PRO A 18 3.97 -20.93 -0.91
CA PRO A 18 4.88 -22.05 -0.98
C PRO A 18 6.22 -21.79 -0.30
N PRO A 19 6.74 -22.82 0.35
CA PRO A 19 8.09 -22.68 0.93
C PRO A 19 9.08 -22.15 -0.12
N GLY A 20 9.97 -21.26 0.25
CA GLY A 20 10.97 -20.75 -0.67
C GLY A 20 10.56 -19.60 -1.54
N THR A 21 9.33 -19.14 -1.37
CA THR A 21 8.85 -18.00 -2.14
C THR A 21 9.65 -16.75 -1.71
N SER A 22 10.09 -15.96 -2.68
CA SER A 22 10.88 -14.79 -2.46
C SER A 22 10.08 -13.71 -1.73
N LYS A 23 10.78 -12.73 -1.11
CA LYS A 23 10.12 -11.56 -0.52
C LYS A 23 9.20 -10.88 -1.53
N HIS A 24 9.71 -10.51 -2.72
CA HIS A 24 8.83 -9.74 -3.59
CA HIS A 24 8.90 -9.83 -3.77
C HIS A 24 7.60 -10.55 -4.04
N GLU A 25 7.71 -11.86 -4.23
CA GLU A 25 6.56 -12.70 -4.58
CA GLU A 25 6.55 -12.66 -4.58
C GLU A 25 5.61 -12.85 -3.39
N LEU A 26 6.15 -13.01 -2.19
CA LEU A 26 5.31 -13.06 -1.00
C LEU A 26 4.46 -11.79 -0.90
N ILE A 27 5.08 -10.63 -1.14
CA ILE A 27 4.38 -9.33 -1.06
C ILE A 27 3.34 -9.24 -2.18
N ALA A 28 3.71 -9.56 -3.42
CA ALA A 28 2.77 -9.51 -4.53
C ALA A 28 1.59 -10.41 -4.30
N ARG A 29 1.86 -11.63 -3.84
CA ARG A 29 0.78 -12.56 -3.59
CA ARG A 29 0.80 -12.58 -3.60
C ARG A 29 -0.10 -12.11 -2.44
N ALA A 30 0.50 -11.56 -1.38
CA ALA A 30 -0.30 -11.01 -0.28
C ALA A 30 -1.21 -9.90 -0.78
N SER A 31 -0.68 -9.02 -1.64
CA SER A 31 -1.48 -7.90 -2.11
CA SER A 31 -1.43 -7.91 -2.23
C SER A 31 -2.68 -8.35 -2.97
N SER A 32 -2.58 -9.53 -3.53
CA SER A 32 -3.60 -10.09 -4.40
C SER A 32 -4.69 -10.88 -3.67
N LEU A 33 -4.48 -11.17 -2.39
CA LEU A 33 -5.49 -11.91 -1.62
C LEU A 33 -6.77 -11.08 -1.50
N LYS A 34 -7.89 -11.72 -1.81
CA LYS A 34 -9.21 -11.15 -1.65
C LYS A 34 -9.52 -11.03 -0.16
N VAL A 35 -10.44 -10.17 0.19
CA VAL A 35 -10.88 -10.04 1.59
C VAL A 35 -11.35 -11.39 2.14
N SER A 36 -12.15 -12.10 1.34
CA SER A 36 -12.63 -13.42 1.75
C SER A 36 -11.51 -14.36 2.05
N GLU A 37 -10.42 -14.30 1.27
CA GLU A 37 -9.26 -15.17 1.49
C GLU A 37 -8.52 -14.85 2.75
N VAL A 38 -8.39 -13.55 3.08
CA VAL A 38 -7.75 -13.16 4.33
C VAL A 38 -8.63 -13.58 5.51
N LYS A 39 -9.95 -13.39 5.38
CA LYS A 39 -10.85 -13.86 6.47
C LYS A 39 -10.66 -15.35 6.69
N ALA A 40 -10.52 -16.14 5.62
CA ALA A 40 -10.34 -17.59 5.79
C ALA A 40 -9.04 -17.95 6.52
N ILE A 41 -7.96 -17.20 6.25
CA ILE A 41 -6.70 -17.44 6.95
C ILE A 41 -6.87 -17.16 8.42
N ILE A 42 -7.52 -16.02 8.76
CA ILE A 42 -7.75 -15.66 10.16
C ILE A 42 -8.61 -16.74 10.83
N LYS A 43 -9.70 -17.16 10.19
CA LYS A 43 -10.57 -18.16 10.80
C LYS A 43 -9.85 -19.46 11.09
N LYS A 44 -8.99 -19.87 10.17
CA LYS A 44 -8.24 -21.12 10.35
C LYS A 44 -7.37 -21.02 11.60
N GLN A 45 -6.67 -19.89 11.76
CA GLN A 45 -5.85 -19.73 12.95
C GLN A 45 -6.69 -19.65 14.23
N VAL A 46 -7.83 -18.97 14.21
CA VAL A 46 -8.66 -18.94 15.40
C VAL A 46 -9.13 -20.35 15.72
N ASP A 47 -9.53 -21.12 14.70
CA ASP A 47 -9.95 -22.50 14.93
C ASP A 47 -8.86 -23.30 15.59
N GLU A 48 -7.64 -23.19 15.09
CA GLU A 48 -6.57 -23.98 15.64
CA GLU A 48 -6.49 -23.92 15.59
C GLU A 48 -6.16 -23.58 17.03
N HIS A 49 -6.37 -22.31 17.38
CA HIS A 49 -5.88 -21.75 18.67
C HIS A 49 -7.00 -21.29 19.56
N TRP A 50 -8.22 -21.85 19.38
CA TRP A 50 -9.37 -21.32 20.14
C TRP A 50 -9.20 -21.49 21.64
N ASP A 51 -8.69 -22.64 22.08
CA ASP A 51 -8.65 -22.84 23.53
C ASP A 51 -7.80 -21.76 24.21
N VAL A 52 -6.62 -21.43 23.66
CA VAL A 52 -5.80 -20.41 24.32
C VAL A 52 -6.46 -18.99 24.17
N ILE A 53 -7.03 -18.73 22.99
CA ILE A 53 -7.73 -17.45 22.79
C ILE A 53 -8.83 -17.26 23.84
N ARG A 54 -9.65 -18.30 23.99
CA ARG A 54 -10.73 -18.26 24.98
C ARG A 54 -10.20 -18.14 26.41
N ASP A 55 -9.22 -18.97 26.74
CA ASP A 55 -8.65 -18.97 28.07
C ASP A 55 -8.12 -17.59 28.48
N VAL A 56 -7.43 -16.92 27.55
CA VAL A 56 -6.86 -15.62 27.85
C VAL A 56 -7.95 -14.53 27.84
N CYS A 57 -8.72 -14.47 26.77
CA CYS A 57 -9.58 -13.29 26.54
C CYS A 57 -11.00 -13.44 27.11
N GLY A 58 -11.49 -14.66 27.29
CA GLY A 58 -12.84 -14.87 27.77
C GLY A 58 -13.92 -14.56 26.75
N PHE A 59 -13.59 -14.53 25.45
CA PHE A 59 -14.60 -14.33 24.44
C PHE A 59 -15.67 -15.40 24.54
N LYS A 60 -16.92 -15.01 24.24
CA LYS A 60 -18.14 -15.83 24.37
CA LYS A 60 -17.98 -15.95 24.57
C LYS A 60 -18.04 -17.12 23.59
N ASN A 61 -17.52 -17.04 22.35
CA ASN A 61 -17.55 -18.13 21.41
C ASN A 61 -16.58 -17.83 20.27
N LYS A 62 -16.41 -18.82 19.39
CA LYS A 62 -15.42 -18.69 18.33
C LYS A 62 -15.84 -17.64 17.32
N GLU A 63 -17.15 -17.53 17.03
CA GLU A 63 -17.57 -16.56 16.02
C GLU A 63 -17.19 -15.14 16.41
N VAL A 64 -17.38 -14.77 17.67
CA VAL A 64 -17.00 -13.42 18.07
C VAL A 64 -15.48 -13.26 18.08
N ALA A 65 -14.75 -14.35 18.29
CA ALA A 65 -13.27 -14.29 18.17
C ALA A 65 -12.86 -14.05 16.72
N TYR A 66 -13.53 -14.71 15.76
CA TYR A 66 -13.28 -14.38 14.35
C TYR A 66 -13.48 -12.87 14.13
N ALA A 67 -14.61 -12.38 14.63
CA ALA A 67 -14.95 -10.99 14.43
C ALA A 67 -13.89 -10.09 15.06
N PHE A 68 -13.41 -10.40 16.25
CA PHE A 68 -12.38 -9.57 16.90
C PHE A 68 -11.16 -9.46 16.02
N PHE A 69 -10.67 -10.61 15.49
CA PHE A 69 -9.48 -10.55 14.64
C PHE A 69 -9.75 -9.95 13.26
N PHE A 70 -10.99 -10.01 12.75
CA PHE A 70 -11.36 -9.22 11.61
C PHE A 70 -11.29 -7.74 11.94
N GLY A 71 -11.68 -7.37 13.15
CA GLY A 71 -11.54 -6.01 13.61
C GLY A 71 -10.09 -5.57 13.62
N MET A 72 -9.19 -6.40 14.12
CA MET A 72 -7.75 -6.08 14.07
C MET A 72 -7.26 -5.94 12.65
N ALA A 73 -7.64 -6.84 11.78
CA ALA A 73 -7.20 -6.75 10.36
C ALA A 73 -7.68 -5.45 9.77
N THR A 74 -8.90 -5.07 10.12
CA THR A 74 -9.45 -3.81 9.60
C THR A 74 -8.72 -2.61 10.13
N ARG A 75 -8.52 -2.56 11.45
CA ARG A 75 -7.89 -1.42 12.05
C ARG A 75 -6.45 -1.23 11.61
N GLU A 76 -5.75 -2.34 11.42
CA GLU A 76 -4.31 -2.32 11.14
C GLU A 76 -3.99 -2.21 9.68
N SER A 77 -4.82 -2.76 8.78
CA SER A 77 -4.47 -2.81 7.35
C SER A 77 -5.64 -2.55 6.43
N THR A 78 -6.84 -2.34 6.94
CA THR A 78 -8.01 -2.28 6.08
C THR A 78 -8.10 -3.54 5.22
N PHE A 79 -7.67 -4.68 5.78
CA PHE A 79 -7.64 -5.96 5.06
C PHE A 79 -6.64 -6.03 3.89
N ARG A 80 -5.79 -5.06 3.73
CA ARG A 80 -4.74 -5.06 2.69
CA ARG A 80 -4.77 -5.05 2.67
C ARG A 80 -3.54 -5.82 3.19
N ALA A 81 -3.49 -7.10 2.83
CA ALA A 81 -2.55 -8.02 3.49
C ALA A 81 -1.08 -7.77 3.21
N ALA A 82 -0.73 -6.92 2.23
CA ALA A 82 0.68 -6.61 1.98
C ALA A 82 1.12 -5.34 2.66
N THR A 83 0.29 -4.77 3.54
CA THR A 83 0.67 -3.51 4.23
C THR A 83 1.98 -3.73 5.00
N GLU A 84 2.90 -2.79 4.86
CA GLU A 84 4.18 -2.86 5.55
C GLU A 84 4.50 -1.46 6.02
N THR A 85 4.91 -1.34 7.28
CA THR A 85 5.12 -0.06 7.95
CA THR A 85 5.18 -0.02 7.89
C THR A 85 6.29 -0.13 8.91
N GLY A 86 6.96 0.97 9.14
CA GLY A 86 7.80 1.10 10.31
C GLY A 86 9.22 0.60 10.19
N SER A 87 9.95 0.77 11.28
CA SER A 87 11.34 0.40 11.39
C SER A 87 11.61 -0.17 12.79
N GLY A 88 12.50 -1.15 12.87
CA GLY A 88 12.93 -1.71 14.16
C GLY A 88 11.77 -2.37 14.87
N ALA A 89 11.58 -2.06 16.16
CA ALA A 89 10.52 -2.70 16.95
C ALA A 89 9.15 -2.39 16.36
N SER A 90 9.04 -1.25 15.66
CA SER A 90 7.79 -0.82 15.02
C SER A 90 7.61 -1.31 13.61
N HIS A 91 8.55 -2.10 13.08
CA HIS A 91 8.45 -2.62 11.76
C HIS A 91 7.46 -3.80 11.74
N ALA A 92 6.40 -3.65 10.94
CA ALA A 92 5.29 -4.61 10.97
C ALA A 92 4.86 -4.92 9.56
N PHE A 93 4.30 -6.13 9.37
CA PHE A 93 3.80 -6.56 8.08
C PHE A 93 2.46 -7.28 8.25
N GLY A 94 1.67 -7.26 7.19
CA GLY A 94 0.56 -8.18 7.06
C GLY A 94 -0.73 -7.61 7.53
N PRO A 95 -1.80 -8.39 7.45
CA PRO A 95 -3.14 -7.91 7.76
C PRO A 95 -3.29 -7.44 9.19
N LEU A 96 -2.62 -8.06 10.13
CA LEU A 96 -2.69 -7.68 11.53
C LEU A 96 -1.55 -6.75 11.95
N GLN A 97 -0.65 -6.38 11.00
CA GLN A 97 0.53 -5.58 11.36
C GLN A 97 1.30 -6.19 12.48
N THR A 98 1.79 -7.42 12.19
CA THR A 98 2.62 -8.17 13.13
C THR A 98 4.04 -7.59 13.11
N ALA A 99 4.49 -7.11 14.26
CA ALA A 99 5.80 -6.46 14.35
C ALA A 99 6.91 -7.50 14.51
N GLU A 100 8.13 -7.00 14.23
CA GLU A 100 9.32 -7.87 14.44
C GLU A 100 9.41 -8.41 15.86
N THR A 101 8.87 -7.68 16.86
CA THR A 101 8.96 -8.10 18.22
C THR A 101 8.17 -9.37 18.53
N ALA A 102 7.26 -9.77 17.62
CA ALA A 102 6.55 -11.05 17.85
C ALA A 102 7.49 -12.25 17.70
N TYR A 103 8.56 -12.12 16.91
CA TYR A 103 9.33 -13.22 16.40
C TYR A 103 10.48 -13.61 17.32
N ALA A 104 10.79 -14.92 17.37
CA ALA A 104 11.95 -15.37 18.11
C ALA A 104 13.23 -14.95 17.38
N ASN A 105 14.30 -14.79 18.13
CA ASN A 105 15.64 -14.58 17.54
C ASN A 105 15.68 -13.37 16.57
N ALA A 106 15.00 -12.31 16.96
CA ALA A 106 15.05 -11.05 16.27
C ALA A 106 16.10 -10.27 17.07
N ASN A 107 15.94 -8.99 17.17
CA ASN A 107 16.88 -8.18 17.94
C ASN A 107 16.93 -8.66 19.40
N PRO A 108 18.12 -8.92 19.95
CA PRO A 108 18.15 -9.41 21.34
C PRO A 108 17.61 -8.42 22.38
N ASN A 109 17.47 -7.14 22.04
CA ASN A 109 16.87 -6.14 22.94
C ASN A 109 15.37 -6.09 22.94
N TYR A 110 14.74 -6.80 22.02
CA TYR A 110 13.27 -6.86 22.08
C TYR A 110 12.79 -7.62 23.31
N MET A 111 11.73 -7.11 23.93
CA MET A 111 11.19 -7.74 25.14
C MET A 111 10.71 -9.14 24.79
N PRO A 112 11.09 -10.16 25.56
CA PRO A 112 10.73 -11.54 25.20
C PRO A 112 9.23 -11.81 25.35
N GLU A 113 8.77 -12.81 24.59
CA GLU A 113 7.37 -13.20 24.59
C GLU A 113 7.31 -14.70 24.81
N HIS A 114 7.72 -15.11 26.02
CA HIS A 114 7.74 -16.52 26.43
C HIS A 114 6.56 -16.93 27.29
N ASN A 115 5.47 -16.16 27.23
CA ASN A 115 4.27 -16.43 27.94
C ASN A 115 3.10 -16.95 27.06
N VAL A 116 3.41 -17.47 25.88
CA VAL A 116 2.40 -18.13 25.03
C VAL A 116 2.95 -19.46 24.54
N PRO A 117 3.12 -20.41 25.44
CA PRO A 117 3.70 -21.71 25.02
C PRO A 117 2.75 -22.51 24.13
N GLU A 118 1.47 -22.12 24.09
CA GLU A 118 0.47 -22.82 23.32
C GLU A 118 0.53 -22.55 21.84
N MET A 119 1.35 -21.57 21.42
CA MET A 119 1.49 -21.25 19.99
C MET A 119 2.96 -21.21 19.65
N HIS A 120 3.32 -21.85 18.54
CA HIS A 120 4.70 -21.82 18.08
C HIS A 120 5.15 -20.37 17.89
N GLN A 121 6.39 -20.05 18.27
CA GLN A 121 6.97 -18.73 18.05
C GLN A 121 8.00 -18.89 16.94
N TYR A 122 7.63 -18.50 15.73
CA TYR A 122 8.51 -18.62 14.58
C TYR A 122 9.69 -17.68 14.71
N ASP A 123 10.81 -18.13 14.15
CA ASP A 123 12.02 -17.28 14.11
C ASP A 123 11.82 -16.15 13.11
N PHE A 124 12.56 -15.06 13.35
CA PHE A 124 12.54 -13.91 12.46
C PHE A 124 13.38 -14.22 11.22
N THR A 125 12.70 -14.47 10.11
CA THR A 125 13.27 -14.74 8.81
C THR A 125 12.41 -14.04 7.78
N GLU A 126 12.93 -13.88 6.56
CA GLU A 126 12.19 -13.33 5.43
CA GLU A 126 12.11 -13.17 5.61
C GLU A 126 10.84 -13.98 5.26
N TYR A 127 10.88 -15.30 5.13
CA TYR A 127 9.62 -16.03 4.87
C TYR A 127 8.67 -15.91 6.03
N ASN A 128 9.20 -16.02 7.24
CA ASN A 128 8.28 -16.01 8.39
C ASN A 128 7.66 -14.62 8.63
N PHE A 129 8.39 -13.55 8.28
CA PHE A 129 7.84 -12.21 8.44
C PHE A 129 6.90 -11.82 7.31
N TYR A 130 7.16 -12.25 6.07
CA TYR A 130 6.42 -11.83 4.92
C TYR A 130 5.34 -12.80 4.44
N ASP A 131 5.35 -14.06 4.86
CA ASP A 131 4.28 -14.97 4.50
C ASP A 131 3.02 -14.62 5.30
N VAL A 132 1.90 -14.46 4.59
CA VAL A 132 0.63 -14.06 5.24
CA VAL A 132 0.68 -14.01 5.31
C VAL A 132 0.21 -15.00 6.36
N GLY A 133 0.37 -16.29 6.12
CA GLY A 133 -0.02 -17.31 7.12
C GLY A 133 0.77 -17.22 8.40
N ILE A 134 2.11 -17.17 8.25
CA ILE A 134 2.92 -17.04 9.44
C ILE A 134 2.61 -15.71 10.12
N SER A 135 2.49 -14.64 9.32
CA SER A 135 2.23 -13.30 9.88
C SER A 135 0.95 -13.28 10.73
N VAL A 136 -0.14 -13.91 10.21
CA VAL A 136 -1.39 -13.92 10.96
C VAL A 136 -1.27 -14.77 12.23
N MET A 138 1.42 -15.32 13.91
CA MET A 138 2.27 -14.56 14.85
C MET A 138 1.58 -13.34 15.39
N GLY A 139 0.72 -12.71 14.63
CA GLY A 139 -0.02 -11.54 15.17
C GLY A 139 -0.98 -11.97 16.29
N ILE A 140 -1.66 -13.13 16.09
CA ILE A 140 -2.53 -13.65 17.14
C ILE A 140 -1.71 -13.96 18.38
N ARG A 141 -0.56 -14.65 18.20
CA ARG A 141 0.30 -14.99 19.33
C ARG A 141 0.73 -13.74 20.07
N HIS A 142 1.17 -12.71 19.31
CA HIS A 142 1.68 -11.47 19.85
C HIS A 142 0.61 -10.73 20.63
N PHE A 143 -0.62 -10.68 20.09
CA PHE A 143 -1.71 -10.13 20.81
C PHE A 143 -1.97 -10.88 22.16
N LEU A 144 -1.95 -12.21 22.09
CA LEU A 144 -2.15 -12.99 23.35
C LEU A 144 -1.05 -12.74 24.36
N HIS A 145 0.18 -12.50 23.88
CA HIS A 145 1.25 -12.14 24.81
C HIS A 145 0.84 -10.90 25.65
N PHE A 146 0.39 -9.86 24.95
CA PHE A 146 0.00 -8.62 25.65
C PHE A 146 -1.29 -8.75 26.42
N ALA A 147 -2.25 -9.54 25.92
CA ALA A 147 -3.49 -9.78 26.65
C ALA A 147 -3.17 -10.50 27.96
N ARG A 148 -2.21 -11.44 27.96
CA ARG A 148 -1.82 -12.07 29.21
C ARG A 148 -1.11 -11.13 30.15
N LEU A 149 -0.30 -10.18 29.65
CA LEU A 149 0.24 -9.13 30.54
C LEU A 149 -0.92 -8.38 31.18
N ALA A 150 -1.92 -8.03 30.36
CA ALA A 150 -3.07 -7.27 30.87
C ALA A 150 -3.89 -8.05 31.89
N LYS A 151 -4.03 -9.36 31.69
CA LYS A 151 -4.81 -10.21 32.57
CA LYS A 151 -4.82 -10.21 32.59
C LYS A 151 -4.25 -10.26 34.00
N GLU A 152 -2.98 -9.89 34.19
CA GLU A 152 -2.43 -9.79 35.56
C GLU A 152 -3.21 -8.78 36.41
N LYS A 153 -3.84 -7.79 35.79
CA LYS A 153 -4.53 -6.70 36.55
CA LYS A 153 -4.60 -6.86 36.61
C LYS A 153 -5.89 -6.35 36.04
N TYR A 154 -6.31 -6.84 34.88
CA TYR A 154 -7.57 -6.53 34.24
C TYR A 154 -8.38 -7.79 34.04
N SER A 155 -9.69 -7.56 33.91
CA SER A 155 -10.68 -8.61 33.68
CA SER A 155 -10.61 -8.64 33.65
C SER A 155 -11.65 -8.23 32.59
N GLY A 156 -12.32 -9.23 32.05
CA GLY A 156 -13.37 -8.99 31.08
C GLY A 156 -12.82 -8.24 29.88
N ARG A 157 -13.62 -7.28 29.36
CA ARG A 157 -13.24 -6.52 28.17
C ARG A 157 -11.90 -5.83 28.34
N ASP A 158 -11.49 -5.52 29.58
CA ASP A 158 -10.23 -4.82 29.75
C ASP A 158 -9.04 -5.64 29.41
N ILE A 159 -9.14 -6.97 29.43
CA ILE A 159 -8.02 -7.82 28.97
C ILE A 159 -7.75 -7.56 27.50
N ALA A 160 -8.76 -7.67 26.64
CA ALA A 160 -8.54 -7.46 25.19
C ALA A 160 -8.26 -5.98 24.92
N ARG A 161 -8.91 -5.07 25.66
CA ARG A 161 -8.76 -3.64 25.40
C ARG A 161 -7.29 -3.23 25.69
N HIS A 162 -6.78 -3.59 26.88
CA HIS A 162 -5.39 -3.27 27.23
C HIS A 162 -4.42 -4.15 26.49
N GLY A 163 -4.81 -5.39 26.16
CA GLY A 163 -3.93 -6.21 25.29
C GLY A 163 -3.73 -5.55 23.96
N LEU A 164 -4.77 -4.97 23.37
CA LEU A 164 -4.60 -4.22 22.07
C LEU A 164 -3.66 -3.05 22.28
N MET A 165 -3.73 -2.36 23.40
CA MET A 165 -2.85 -1.20 23.61
C MET A 165 -1.40 -1.69 23.70
N GLY A 166 -1.19 -2.85 24.32
CA GLY A 166 0.15 -3.44 24.30
C GLY A 166 0.61 -3.81 22.93
N TYR A 167 -0.29 -4.42 22.14
CA TYR A 167 0.04 -4.81 20.78
C TYR A 167 0.56 -3.62 19.96
N ASN A 168 -0.16 -2.52 20.04
CA ASN A 168 0.21 -1.37 19.22
C ASN A 168 1.36 -0.54 19.79
N THR A 169 1.50 -0.46 21.10
CA THR A 169 2.44 0.49 21.69
C THR A 169 3.59 -0.19 22.42
N GLY A 170 3.45 -1.46 22.72
CA GLY A 170 4.33 -2.19 23.60
C GLY A 170 4.02 -2.18 25.08
N TRP A 171 3.01 -1.40 25.49
CA TRP A 171 2.73 -1.16 26.89
C TRP A 171 1.25 -1.21 27.14
N ILE A 172 0.79 -2.14 27.97
CA ILE A 172 -0.65 -2.26 28.22
C ILE A 172 -1.30 -1.04 28.86
N ASP A 173 -0.52 -0.24 29.57
CA ASP A 173 -1.03 0.94 30.30
C ASP A 173 -0.34 2.20 29.83
N GLY A 174 0.22 2.20 28.65
CA GLY A 174 0.86 3.39 28.17
C GLY A 174 0.00 4.61 27.73
N ALA A 175 -1.17 4.31 27.24
CA ALA A 175 -1.91 5.19 26.34
C ALA A 175 -2.87 6.12 27.05
N ASP A 176 -3.07 7.25 26.42
CA ASP A 176 -4.08 8.21 26.82
C ASP A 176 -5.44 7.75 26.31
N GLU A 177 -6.51 8.19 26.97
CA GLU A 177 -7.83 7.65 26.69
C GLU A 177 -8.20 7.82 25.26
N SER A 178 -7.83 8.94 24.64
CA SER A 178 -8.18 9.18 23.24
CA SER A 178 -8.17 9.17 23.27
C SER A 178 -7.67 8.07 22.33
N TRP A 179 -6.46 7.62 22.59
CA TRP A 179 -5.90 6.54 21.74
C TRP A 179 -6.52 5.17 22.09
N ILE A 180 -6.87 4.94 23.34
CA ILE A 180 -7.61 3.72 23.66
C ILE A 180 -8.91 3.68 22.84
N VAL A 181 -9.61 4.80 22.79
CA VAL A 181 -10.84 4.91 22.00
C VAL A 181 -10.58 4.74 20.51
N ARG A 182 -9.60 5.43 19.97
CA ARG A 182 -9.34 5.40 18.54
C ARG A 182 -8.68 4.11 18.02
N TYR A 183 -8.05 3.39 18.94
CA TYR A 183 -7.37 2.13 18.54
C TYR A 183 -8.12 0.91 19.05
N ALA A 184 -8.21 0.74 20.38
CA ALA A 184 -8.82 -0.50 20.91
C ALA A 184 -10.33 -0.53 20.74
N ASP A 185 -11.03 0.52 21.20
CA ASP A 185 -12.49 0.50 21.07
C ASP A 185 -12.87 0.45 19.62
N GLU A 186 -12.12 1.16 18.75
CA GLU A 186 -12.40 1.12 17.33
C GLU A 186 -12.24 -0.28 16.79
N THR A 187 -11.17 -0.99 17.18
CA THR A 187 -10.98 -2.41 16.75
C THR A 187 -12.20 -3.24 17.09
N ALA A 188 -12.67 -3.13 18.31
CA ALA A 188 -13.86 -3.89 18.75
C ALA A 188 -15.06 -3.54 17.90
N ALA A 189 -15.25 -2.25 17.65
CA ALA A 189 -16.40 -1.81 16.84
C ALA A 189 -16.34 -2.31 15.42
N LEU A 190 -15.16 -2.21 14.81
CA LEU A 190 -14.98 -2.66 13.45
C LEU A 190 -15.23 -4.14 13.35
N GLY A 191 -14.72 -4.94 14.32
CA GLY A 191 -14.92 -6.37 14.27
C GLY A 191 -16.40 -6.70 14.35
N ALA A 192 -17.15 -6.04 15.22
CA ALA A 192 -18.55 -6.33 15.41
C ALA A 192 -19.37 -6.04 14.18
N TRP A 193 -18.94 -5.09 13.35
CA TRP A 193 -19.61 -4.81 12.09
C TRP A 193 -19.74 -6.03 11.22
N TYR A 194 -18.67 -6.84 11.18
CA TYR A 194 -18.69 -8.04 10.36
C TYR A 194 -19.73 -9.04 10.84
N LEU A 195 -19.86 -9.21 12.13
CA LEU A 195 -20.83 -10.16 12.66
C LEU A 195 -22.24 -9.65 12.58
N ARG A 196 -22.45 -8.38 12.83
CA ARG A 196 -23.78 -7.80 12.86
C ARG A 196 -24.39 -7.69 11.44
N ASN A 197 -23.57 -7.58 10.40
CA ASN A 197 -24.02 -7.39 9.05
C ASN A 197 -23.72 -8.54 8.11
N ASN A 198 -23.46 -9.72 8.67
CA ASN A 198 -23.35 -10.95 7.87
C ASN A 198 -22.23 -10.89 6.85
N HIS A 199 -21.07 -10.37 7.27
CA HIS A 199 -19.88 -10.30 6.45
C HIS A 199 -18.77 -11.17 7.00
N MET A 200 -19.13 -12.32 7.54
CA MET A 200 -18.09 -13.19 8.12
C MET A 200 -17.29 -14.00 7.13
N SER A 201 -17.77 -14.10 5.88
CA SER A 201 -17.03 -14.87 4.87
CA SER A 201 -17.11 -14.90 4.86
C SER A 201 -16.91 -14.21 3.52
N ASP A 202 -17.62 -13.14 3.24
CA ASP A 202 -17.66 -12.48 1.96
C ASP A 202 -16.46 -11.52 1.80
N ASP A 203 -16.49 -10.73 0.72
CA ASP A 203 -15.41 -9.79 0.41
C ASP A 203 -15.64 -8.39 0.93
N GLU A 204 -16.70 -8.20 1.72
CA GLU A 204 -17.00 -6.86 2.21
C GLU A 204 -16.12 -6.49 3.39
N PHE A 205 -15.81 -5.20 3.49
CA PHE A 205 -14.96 -4.69 4.56
C PHE A 205 -15.42 -3.31 4.95
N THR A 206 -15.04 -2.94 6.18
CA THR A 206 -15.15 -1.61 6.72
C THR A 206 -13.76 -1.02 6.96
N TRP A 207 -13.69 0.09 7.68
CA TRP A 207 -12.46 0.77 7.83
C TRP A 207 -12.53 1.74 9.02
N ASP A 208 -11.38 2.09 9.57
CA ASP A 208 -11.28 3.07 10.66
C ASP A 208 -12.12 4.27 10.34
N THR A 209 -13.02 4.63 11.25
CA THR A 209 -13.88 5.84 11.17
C THR A 209 -15.02 5.71 10.21
N ASP A 210 -15.26 4.56 9.61
CA ASP A 210 -16.42 4.40 8.72
C ASP A 210 -17.72 4.71 9.47
N PRO A 211 -18.53 5.66 8.96
CA PRO A 211 -19.79 6.00 9.66
C PRO A 211 -20.83 4.90 9.65
N ARG A 212 -20.66 3.84 8.82
CA ARG A 212 -21.57 2.70 8.86
C ARG A 212 -21.48 1.93 10.15
N VAL A 213 -20.36 2.06 10.87
CA VAL A 213 -20.05 1.23 12.01
C VAL A 213 -20.68 1.79 13.29
N ASP A 214 -21.34 0.91 14.05
CA ASP A 214 -21.81 1.25 15.40
C ASP A 214 -20.59 1.16 16.31
N ARG A 215 -20.09 2.29 16.82
CA ARG A 215 -18.93 2.27 17.70
C ARG A 215 -19.29 2.61 19.14
N SER A 216 -20.57 2.49 19.48
CA SER A 216 -21.03 2.74 20.82
C SER A 216 -21.15 1.42 21.63
N ASN A 217 -20.62 1.39 22.84
CA ASN A 217 -20.53 0.15 23.62
C ASN A 217 -19.99 -1.00 22.75
N PRO A 218 -18.83 -0.82 22.16
CA PRO A 218 -18.38 -1.77 21.09
C PRO A 218 -17.92 -3.10 21.62
N TRP A 219 -17.68 -3.24 22.92
CA TRP A 219 -17.24 -4.53 23.49
C TRP A 219 -18.37 -5.48 23.76
N GLU A 220 -19.63 -5.01 23.70
CA GLU A 220 -20.79 -5.77 24.08
C GLU A 220 -20.86 -7.17 23.49
N ILE A 221 -20.65 -7.31 22.17
CA ILE A 221 -20.94 -8.59 21.53
C ILE A 221 -19.99 -9.68 21.99
N TYR A 222 -18.84 -9.34 22.54
CA TYR A 222 -17.78 -10.32 22.66
C TYR A 222 -17.87 -11.20 23.89
N TYR A 223 -18.73 -10.84 24.84
CA TYR A 223 -18.72 -11.47 26.18
C TYR A 223 -20.09 -11.97 26.54
N ASP B 14 -5.09 21.99 -10.67
CA ASP B 14 -4.54 20.64 -10.62
C ASP B 14 -4.94 19.85 -9.37
N GLY B 15 -5.19 20.51 -8.26
CA GLY B 15 -5.52 19.83 -7.03
C GLY B 15 -6.83 19.09 -7.13
N TYR B 16 -6.87 17.86 -6.67
CA TYR B 16 -8.05 17.04 -6.77
C TYR B 16 -8.95 17.20 -5.54
N PHE B 17 -8.34 17.11 -4.36
CA PHE B 17 -9.02 17.24 -3.08
C PHE B 17 -8.94 18.66 -2.54
N PRO B 18 -9.81 19.01 -1.60
CA PRO B 18 -9.82 20.39 -1.14
C PRO B 18 -8.52 20.78 -0.50
N PRO B 19 -8.23 22.09 -0.57
N PRO B 19 -8.07 22.05 -0.61
CA PRO B 19 -7.22 22.69 0.26
CA PRO B 19 -6.71 22.38 -0.14
C PRO B 19 -7.55 22.41 1.71
C PRO B 19 -6.41 22.20 1.36
N GLY B 20 -6.54 22.13 2.52
N GLY B 20 -7.43 22.24 2.21
CA GLY B 20 -6.74 21.87 3.92
CA GLY B 20 -7.24 21.98 3.65
C GLY B 20 -7.10 20.42 4.22
C GLY B 20 -7.12 20.52 4.11
N THR B 21 -7.25 19.56 3.19
CA THR B 21 -7.42 18.15 3.49
C THR B 21 -6.20 17.63 4.19
N SER B 22 -6.38 16.90 5.26
CA SER B 22 -5.27 16.32 5.98
C SER B 22 -4.51 15.29 5.16
N LYS B 23 -3.26 15.09 5.49
CA LYS B 23 -2.48 14.00 4.88
C LYS B 23 -3.19 12.65 4.99
N HIS B 24 -3.72 12.33 6.17
CA HIS B 24 -4.38 11.09 6.37
CA HIS B 24 -4.36 11.02 6.34
CA HIS B 24 -4.27 11.02 6.31
C HIS B 24 -5.52 10.88 5.39
N GLU B 25 -6.32 11.95 5.21
CA GLU B 25 -7.48 11.88 4.34
C GLU B 25 -7.06 11.86 2.88
N LEU B 26 -6.02 12.65 2.52
CA LEU B 26 -5.50 12.59 1.15
C LEU B 26 -5.11 11.15 0.78
N ILE B 27 -4.39 10.51 1.69
CA ILE B 27 -3.94 9.14 1.42
C ILE B 27 -5.11 8.18 1.39
N ALA B 28 -6.04 8.30 2.34
CA ALA B 28 -7.19 7.39 2.35
C ALA B 28 -8.03 7.53 1.12
N ARG B 29 -8.29 8.75 0.69
CA ARG B 29 -9.10 8.94 -0.52
C ARG B 29 -8.32 8.54 -1.76
N ALA B 30 -7.00 8.71 -1.78
CA ALA B 30 -6.21 8.17 -2.88
C ALA B 30 -6.33 6.66 -2.97
N SER B 31 -6.29 5.98 -1.83
CA SER B 31 -6.35 4.51 -1.80
CA SER B 31 -6.33 4.55 -1.82
C SER B 31 -7.67 4.02 -2.37
N SER B 32 -8.71 4.84 -2.29
CA SER B 32 -10.07 4.57 -2.72
CA SER B 32 -10.03 4.38 -2.83
C SER B 32 -10.45 4.90 -4.20
N LEU B 33 -9.58 5.60 -4.88
CA LEU B 33 -9.84 5.97 -6.25
C LEU B 33 -9.90 4.70 -7.12
N LYS B 34 -10.95 4.59 -7.89
CA LYS B 34 -11.09 3.49 -8.82
C LYS B 34 -10.08 3.70 -9.96
N VAL B 35 -9.77 2.60 -10.63
CA VAL B 35 -8.87 2.66 -11.76
C VAL B 35 -9.37 3.65 -12.82
N SER B 36 -10.70 3.63 -13.08
CA SER B 36 -11.27 4.58 -14.02
C SER B 36 -11.09 6.02 -13.63
N GLU B 37 -11.12 6.27 -12.32
CA GLU B 37 -10.96 7.63 -11.80
C GLU B 37 -9.51 8.08 -11.93
N VAL B 38 -8.56 7.20 -11.67
CA VAL B 38 -7.15 7.55 -11.86
C VAL B 38 -6.86 7.82 -13.36
N LYS B 39 -7.43 6.97 -14.24
CA LYS B 39 -7.32 7.19 -15.70
C LYS B 39 -7.82 8.59 -16.06
N ALA B 40 -8.97 8.98 -15.50
CA ALA B 40 -9.54 10.30 -15.80
C ALA B 40 -8.64 11.44 -15.36
N ILE B 41 -8.03 11.30 -14.18
CA ILE B 41 -7.09 12.34 -13.71
C ILE B 41 -5.92 12.47 -14.64
N ILE B 42 -5.37 11.34 -15.08
CA ILE B 42 -4.24 11.37 -15.99
C ILE B 42 -4.65 12.00 -17.33
N LYS B 43 -5.81 11.60 -17.87
CA LYS B 43 -6.27 12.18 -19.12
C LYS B 43 -6.39 13.70 -19.05
N LYS B 44 -6.95 14.17 -17.93
CA LYS B 44 -7.11 15.61 -17.76
C LYS B 44 -5.78 16.34 -17.86
N GLN B 45 -4.78 15.79 -17.20
CA GLN B 45 -3.43 16.39 -17.26
C GLN B 45 -2.80 16.30 -18.63
N VAL B 46 -2.95 15.15 -19.28
CA VAL B 46 -2.40 15.05 -20.65
C VAL B 46 -3.06 16.07 -21.57
N ASP B 47 -4.38 16.23 -21.45
CA ASP B 47 -5.08 17.21 -22.30
C ASP B 47 -4.58 18.60 -22.02
N GLU B 48 -4.43 18.95 -20.73
CA GLU B 48 -3.99 20.31 -20.36
C GLU B 48 -2.60 20.60 -20.87
N HIS B 49 -1.74 19.60 -20.88
CA HIS B 49 -0.33 19.73 -21.18
C HIS B 49 0.09 19.09 -22.48
N TRP B 50 -0.85 18.90 -23.40
CA TRP B 50 -0.54 18.17 -24.62
C TRP B 50 0.56 18.81 -25.42
N ASP B 51 0.55 20.15 -25.55
CA ASP B 51 1.55 20.75 -26.41
C ASP B 51 2.97 20.44 -25.96
N VAL B 52 3.24 20.56 -24.64
CA VAL B 52 4.60 20.29 -24.18
C VAL B 52 4.89 18.78 -24.25
N ILE B 53 3.93 17.93 -23.92
CA ILE B 53 4.15 16.50 -24.04
C ILE B 53 4.51 16.13 -25.48
N ARG B 54 3.73 16.64 -26.44
CA ARG B 54 3.99 16.37 -27.85
C ARG B 54 5.35 16.97 -28.29
N ASP B 55 5.61 18.23 -27.92
CA ASP B 55 6.83 18.88 -28.30
C ASP B 55 8.05 18.12 -27.85
N VAL B 56 8.00 17.56 -26.63
CA VAL B 56 9.15 16.85 -26.09
C VAL B 56 9.21 15.43 -26.67
N CYS B 57 8.12 14.70 -26.56
CA CYS B 57 8.15 13.25 -26.84
C CYS B 57 7.86 12.87 -28.28
N GLY B 58 7.09 13.68 -29.00
CA GLY B 58 6.71 13.34 -30.34
C GLY B 58 5.71 12.22 -30.46
N PHE B 59 4.90 12.00 -29.41
CA PHE B 59 3.87 11.02 -29.48
C PHE B 59 2.85 11.40 -30.58
N LYS B 60 2.25 10.41 -31.19
CA LYS B 60 1.41 10.60 -32.40
C LYS B 60 0.14 11.40 -32.12
N ASN B 61 -0.45 11.24 -30.95
CA ASN B 61 -1.72 11.89 -30.59
C ASN B 61 -1.91 11.81 -29.08
N LYS B 62 -2.95 12.47 -28.57
CA LYS B 62 -3.31 12.42 -27.12
C LYS B 62 -3.57 11.04 -26.63
N GLU B 63 -4.30 10.25 -27.41
CA GLU B 63 -4.71 8.93 -26.95
C GLU B 63 -3.51 8.05 -26.63
N VAL B 64 -2.48 8.08 -27.48
CA VAL B 64 -1.31 7.23 -27.19
C VAL B 64 -0.52 7.81 -26.03
N ALA B 65 -0.59 9.14 -25.85
CA ALA B 65 0.00 9.73 -24.65
C ALA B 65 -0.76 9.31 -23.38
N TYR B 66 -2.08 9.26 -23.43
CA TYR B 66 -2.81 8.68 -22.29
C TYR B 66 -2.28 7.28 -22.00
N ALA B 67 -2.16 6.46 -23.06
CA ALA B 67 -1.73 5.07 -22.88
C ALA B 67 -0.33 5.02 -22.24
N PHE B 68 0.57 5.90 -22.70
CA PHE B 68 1.90 5.93 -22.16
C PHE B 68 1.88 6.15 -20.64
N PHE B 69 1.10 7.19 -20.20
CA PHE B 69 1.05 7.47 -18.80
C PHE B 69 0.24 6.43 -18.00
N PHE B 70 -0.69 5.74 -18.68
CA PHE B 70 -1.31 4.57 -18.02
C PHE B 70 -0.26 3.47 -17.84
N GLY B 71 0.66 3.33 -18.79
CA GLY B 71 1.78 2.43 -18.62
C GLY B 71 2.63 2.77 -17.42
N MET B 72 2.95 4.07 -17.28
CA MET B 72 3.70 4.50 -16.10
CA MET B 72 3.68 4.52 -16.13
C MET B 72 2.93 4.22 -14.82
N ALA B 73 1.65 4.54 -14.78
CA ALA B 73 0.87 4.30 -13.55
C ALA B 73 0.91 2.81 -13.22
N THR B 74 0.85 1.97 -14.25
CA THR B 74 0.86 0.53 -14.05
C THR B 74 2.21 0.08 -13.50
N ARG B 75 3.30 0.50 -14.16
CA ARG B 75 4.64 0.07 -13.77
C ARG B 75 5.01 0.51 -12.37
N GLU B 76 4.57 1.74 -12.01
CA GLU B 76 4.98 2.38 -10.78
C GLU B 76 4.10 2.01 -9.58
N SER B 77 2.79 1.78 -9.80
CA SER B 77 1.89 1.60 -8.67
C SER B 77 0.84 0.51 -8.90
N THR B 78 0.80 -0.11 -10.07
CA THR B 78 -0.34 -0.97 -10.45
C THR B 78 -1.65 -0.23 -10.28
N PHE B 79 -1.63 1.08 -10.56
CA PHE B 79 -2.81 1.93 -10.45
C PHE B 79 -3.29 2.20 -8.99
N ARG B 80 -2.52 1.77 -7.99
CA ARG B 80 -2.87 1.96 -6.59
C ARG B 80 -2.32 3.33 -6.15
N ALA B 81 -3.26 4.30 -6.19
CA ALA B 81 -2.86 5.71 -6.12
C ALA B 81 -2.27 6.18 -4.79
N ALA B 82 -2.40 5.40 -3.72
CA ALA B 82 -1.81 5.76 -2.45
C ALA B 82 -0.45 5.16 -2.20
N THR B 83 0.13 4.50 -3.20
CA THR B 83 1.43 3.90 -3.04
C THR B 83 2.43 4.94 -2.59
N GLU B 84 3.23 4.58 -1.59
CA GLU B 84 4.24 5.48 -1.06
C GLU B 84 5.49 4.67 -0.77
N THR B 85 6.65 5.13 -1.25
CA THR B 85 7.88 4.35 -1.10
CA THR B 85 7.83 4.36 -1.24
C THR B 85 9.06 5.24 -0.96
N GLY B 86 10.11 4.71 -0.31
CA GLY B 86 11.42 5.33 -0.35
C GLY B 86 11.67 6.45 0.62
N SER B 87 12.91 6.94 0.61
CA SER B 87 13.34 8.01 1.49
C SER B 87 14.21 8.97 0.71
N GLY B 88 14.18 10.23 1.12
CA GLY B 88 15.00 11.25 0.51
C GLY B 88 14.67 11.42 -0.95
N ALA B 89 15.72 11.48 -1.80
CA ALA B 89 15.50 11.70 -3.23
C ALA B 89 14.67 10.58 -3.85
N SER B 90 14.67 9.40 -3.22
CA SER B 90 13.91 8.27 -3.68
C SER B 90 12.51 8.19 -3.06
N HIS B 91 12.10 9.15 -2.23
CA HIS B 91 10.78 9.16 -1.64
C HIS B 91 9.74 9.63 -2.64
N ALA B 92 8.77 8.75 -2.94
CA ALA B 92 7.79 9.01 -3.97
C ALA B 92 6.39 8.64 -3.52
N PHE B 93 5.41 9.30 -4.12
CA PHE B 93 4.01 9.05 -3.82
C PHE B 93 3.22 9.03 -5.08
N GLY B 94 2.09 8.29 -5.02
CA GLY B 94 1.06 8.45 -6.00
C GLY B 94 1.10 7.45 -7.14
N PRO B 95 0.16 7.56 -8.07
CA PRO B 95 0.06 6.55 -9.11
C PRO B 95 1.27 6.48 -10.02
N LEU B 96 1.93 7.63 -10.22
CA LEU B 96 3.12 7.67 -11.06
C LEU B 96 4.39 7.59 -10.24
N GLN B 97 4.31 7.49 -8.92
CA GLN B 97 5.46 7.51 -8.04
C GLN B 97 6.34 8.74 -8.32
N THR B 98 5.69 9.91 -8.05
CA THR B 98 6.37 11.20 -8.16
C THR B 98 7.25 11.43 -6.98
N ALA B 99 8.58 11.58 -7.24
CA ALA B 99 9.53 11.73 -6.17
C ALA B 99 9.57 13.17 -5.67
N GLU B 100 10.17 13.34 -4.49
CA GLU B 100 10.40 14.66 -3.93
C GLU B 100 11.15 15.57 -4.87
N THR B 101 12.07 14.99 -5.66
CA THR B 101 12.92 15.75 -6.58
C THR B 101 12.11 16.47 -7.66
N ALA B 102 10.85 16.11 -7.88
CA ALA B 102 10.07 16.83 -8.85
C ALA B 102 9.73 18.25 -8.35
N TYR B 103 9.66 18.40 -7.04
CA TYR B 103 9.02 19.60 -6.44
C TYR B 103 10.00 20.74 -6.24
N ALA B 104 9.50 21.96 -6.32
CA ALA B 104 10.30 23.13 -6.05
C ALA B 104 10.58 23.20 -4.57
N ASN B 105 11.73 23.77 -4.21
CA ASN B 105 11.95 24.15 -2.80
C ASN B 105 11.85 22.96 -1.85
N ALA B 106 12.41 21.85 -2.31
CA ALA B 106 12.58 20.70 -1.46
C ALA B 106 14.04 20.75 -0.95
N ASN B 107 14.70 19.62 -0.77
CA ASN B 107 16.09 19.63 -0.39
C ASN B 107 16.91 20.47 -1.39
N PRO B 108 17.70 21.44 -0.93
CA PRO B 108 18.39 22.30 -1.87
C PRO B 108 19.48 21.59 -2.67
N ASN B 109 19.86 20.38 -2.26
CA ASN B 109 20.82 19.61 -3.00
C ASN B 109 20.25 18.82 -4.18
N TYR B 110 18.93 18.68 -4.23
CA TYR B 110 18.32 17.95 -5.33
C TYR B 110 18.65 18.69 -6.65
N MET B 111 18.87 17.90 -7.70
CA MET B 111 19.22 18.48 -8.99
C MET B 111 18.04 19.24 -9.55
N PRO B 112 18.25 20.44 -10.06
CA PRO B 112 17.13 21.33 -10.46
C PRO B 112 16.41 20.86 -11.70
N GLU B 113 15.14 21.28 -11.77
CA GLU B 113 14.25 20.94 -12.90
C GLU B 113 13.62 22.18 -13.47
N HIS B 114 14.46 23.08 -13.96
CA HIS B 114 14.03 24.36 -14.50
C HIS B 114 13.82 24.36 -16.00
N ASN B 115 13.81 23.19 -16.62
CA ASN B 115 13.66 23.06 -18.06
C ASN B 115 12.25 22.66 -18.48
N VAL B 116 11.25 22.83 -17.64
CA VAL B 116 9.86 22.62 -18.05
C VAL B 116 9.04 23.85 -17.61
N PRO B 117 9.33 25.01 -18.20
CA PRO B 117 8.61 26.23 -17.77
C PRO B 117 7.15 26.22 -18.22
N GLU B 118 6.75 25.31 -19.11
CA GLU B 118 5.37 25.18 -19.54
C GLU B 118 4.44 24.59 -18.48
N MET B 119 4.99 23.99 -17.41
CA MET B 119 4.16 23.39 -16.34
C MET B 119 4.60 24.01 -15.03
N HIS B 120 3.63 24.44 -14.23
CA HIS B 120 3.94 24.92 -12.93
C HIS B 120 4.69 23.88 -12.10
N GLN B 121 5.75 24.29 -11.43
CA GLN B 121 6.49 23.43 -10.52
C GLN B 121 6.00 23.67 -9.10
N TYR B 122 5.09 22.84 -8.61
CA TYR B 122 4.58 23.03 -7.29
C TYR B 122 5.64 22.90 -6.22
N ASP B 123 5.51 23.74 -5.19
CA ASP B 123 6.40 23.62 -4.05
CA ASP B 123 6.32 23.73 -4.00
C ASP B 123 6.19 22.36 -3.29
N PHE B 124 7.25 21.92 -2.62
CA PHE B 124 7.19 20.73 -1.79
C PHE B 124 6.45 21.03 -0.50
N THR B 125 5.19 20.67 -0.44
CA THR B 125 4.35 20.83 0.75
C THR B 125 3.59 19.55 0.95
N GLU B 126 2.97 19.39 2.13
CA GLU B 126 2.25 18.19 2.39
C GLU B 126 1.10 18.00 1.37
N TYR B 127 0.29 19.03 1.17
CA TYR B 127 -0.80 18.89 0.20
C TYR B 127 -0.28 18.59 -1.21
N ASN B 128 0.76 19.33 -1.63
CA ASN B 128 1.21 19.13 -3.00
C ASN B 128 1.82 17.76 -3.24
N PHE B 129 2.44 17.19 -2.23
CA PHE B 129 3.01 15.84 -2.36
C PHE B 129 1.97 14.76 -2.33
N TYR B 130 0.95 14.91 -1.46
CA TYR B 130 -0.02 13.83 -1.22
C TYR B 130 -1.35 13.96 -1.98
N ASP B 131 -1.67 15.11 -2.53
CA ASP B 131 -2.91 15.22 -3.35
C ASP B 131 -2.67 14.53 -4.68
N VAL B 132 -3.59 13.63 -5.06
CA VAL B 132 -3.41 12.84 -6.26
CA VAL B 132 -3.32 12.81 -6.27
C VAL B 132 -3.30 13.69 -7.53
N GLY B 133 -4.08 14.75 -7.59
CA GLY B 133 -4.03 15.62 -8.78
C GLY B 133 -2.70 16.34 -8.92
N ILE B 134 -2.20 16.93 -7.83
CA ILE B 134 -0.92 17.56 -7.89
C ILE B 134 0.17 16.53 -8.20
N SER B 135 0.08 15.36 -7.56
CA SER B 135 1.06 14.31 -7.76
C SER B 135 1.14 13.89 -9.22
N VAL B 136 0.00 13.71 -9.89
CA VAL B 136 0.01 13.33 -11.29
C VAL B 136 0.55 14.42 -12.18
N MET B 138 2.69 16.67 -11.35
CA MET B 138 4.13 16.73 -11.06
C MET B 138 4.87 15.55 -11.60
N GLY B 139 4.26 14.36 -11.63
CA GLY B 139 4.92 13.22 -12.28
C GLY B 139 5.12 13.43 -13.76
N ILE B 140 4.10 13.96 -14.43
CA ILE B 140 4.23 14.27 -15.85
C ILE B 140 5.33 15.33 -16.05
N ARG B 141 5.34 16.40 -15.26
CA ARG B 141 6.37 17.41 -15.39
C ARG B 141 7.77 16.81 -15.19
N HIS B 142 7.91 15.96 -14.17
CA HIS B 142 9.18 15.39 -13.82
C HIS B 142 9.69 14.47 -14.92
N PHE B 143 8.78 13.64 -15.51
CA PHE B 143 9.14 12.85 -16.66
C PHE B 143 9.62 13.75 -17.81
N LEU B 144 8.88 14.81 -18.09
CA LEU B 144 9.27 15.70 -19.19
C LEU B 144 10.61 16.37 -18.93
N HIS B 145 10.97 16.62 -17.69
CA HIS B 145 12.32 17.15 -17.38
C HIS B 145 13.37 16.21 -17.92
N PHE B 146 13.24 14.91 -17.65
CA PHE B 146 14.24 13.97 -18.11
C PHE B 146 14.12 13.69 -19.58
N ALA B 147 12.92 13.65 -20.13
CA ALA B 147 12.75 13.43 -21.57
C ALA B 147 13.35 14.58 -22.38
N ARG B 148 13.26 15.81 -21.87
CA ARG B 148 13.81 16.93 -22.57
CA ARG B 148 13.94 16.96 -22.47
C ARG B 148 15.41 16.86 -22.43
N LEU B 149 15.99 16.41 -21.31
CA LEU B 149 17.40 16.10 -21.30
C LEU B 149 17.77 15.08 -22.37
N ALA B 150 16.97 14.02 -22.47
CA ALA B 150 17.23 12.97 -23.45
C ALA B 150 17.14 13.45 -24.88
N LYS B 151 16.28 14.41 -25.16
CA LYS B 151 16.04 14.90 -26.52
C LYS B 151 17.29 15.58 -27.10
N GLU B 152 18.23 15.97 -26.26
CA GLU B 152 19.51 16.48 -26.80
C GLU B 152 20.25 15.42 -27.60
N LYS B 153 20.14 14.15 -27.20
CA LYS B 153 20.98 13.08 -27.77
CA LYS B 153 20.96 13.02 -27.61
C LYS B 153 20.20 11.97 -28.42
N TYR B 154 18.89 11.98 -28.30
CA TYR B 154 18.06 10.87 -28.70
C TYR B 154 16.88 11.38 -29.48
N SER B 155 16.31 10.48 -30.30
CA SER B 155 15.17 10.78 -31.15
CA SER B 155 15.12 10.81 -31.07
C SER B 155 14.11 9.67 -31.03
N GLY B 156 12.87 9.96 -31.36
CA GLY B 156 11.84 8.95 -31.44
C GLY B 156 11.65 8.29 -30.09
N ARG B 157 11.46 6.98 -30.14
CA ARG B 157 11.18 6.20 -28.93
C ARG B 157 12.31 6.38 -27.92
N ASP B 158 13.51 6.68 -28.37
CA ASP B 158 14.63 6.79 -27.44
C ASP B 158 14.52 7.97 -26.48
N ILE B 159 13.76 9.01 -26.88
CA ILE B 159 13.50 10.13 -25.94
C ILE B 159 12.70 9.65 -24.73
N ALA B 160 11.58 8.96 -24.99
CA ALA B 160 10.77 8.45 -23.90
C ALA B 160 11.46 7.34 -23.12
N ARG B 161 12.22 6.49 -23.84
CA ARG B 161 12.86 5.36 -23.19
C ARG B 161 13.92 5.85 -22.20
N HIS B 162 14.80 6.77 -22.66
CA HIS B 162 15.78 7.35 -21.78
C HIS B 162 15.19 8.33 -20.75
N GLY B 163 14.11 9.01 -21.14
CA GLY B 163 13.41 9.87 -20.20
C GLY B 163 12.87 9.05 -19.00
N LEU B 164 12.33 7.86 -19.27
CA LEU B 164 11.87 6.98 -18.21
C LEU B 164 13.01 6.55 -17.31
N MET B 165 14.19 6.27 -17.90
CA MET B 165 15.31 5.90 -17.07
C MET B 165 15.74 7.03 -16.16
N GLY B 166 15.69 8.27 -16.68
CA GLY B 166 15.95 9.42 -15.83
C GLY B 166 14.92 9.54 -14.72
N TYR B 167 13.63 9.33 -15.06
CA TYR B 167 12.57 9.39 -14.06
C TYR B 167 12.84 8.47 -12.89
N ASN B 168 13.18 7.20 -13.19
CA ASN B 168 13.36 6.22 -12.14
C ASN B 168 14.69 6.34 -11.42
N THR B 169 15.76 6.65 -12.15
CA THR B 169 17.10 6.55 -11.58
C THR B 169 17.79 7.90 -11.33
N GLY B 170 17.27 8.96 -11.95
CA GLY B 170 17.89 10.29 -11.93
C GLY B 170 18.85 10.54 -13.11
N TRP B 171 19.10 9.53 -13.93
CA TRP B 171 20.13 9.61 -14.98
C TRP B 171 19.58 8.98 -16.23
N ILE B 172 19.58 9.75 -17.31
CA ILE B 172 19.04 9.24 -18.57
C ILE B 172 19.90 8.16 -19.20
N ASP B 173 21.18 8.13 -18.89
CA ASP B 173 22.15 7.15 -19.41
C ASP B 173 22.83 6.45 -18.30
N GLY B 174 23.59 5.42 -18.64
CA GLY B 174 24.14 4.53 -17.60
C GLY B 174 23.30 3.52 -16.78
N ALA B 175 21.98 3.32 -17.03
CA ALA B 175 21.28 2.12 -16.52
C ALA B 175 21.80 0.89 -17.25
N ASP B 176 21.79 -0.20 -16.56
CA ASP B 176 22.08 -1.50 -17.24
C ASP B 176 20.93 -1.86 -18.16
N GLU B 177 21.25 -2.52 -19.31
CA GLU B 177 20.25 -2.80 -20.29
C GLU B 177 19.09 -3.59 -19.72
N SER B 178 19.36 -4.55 -18.83
CA SER B 178 18.23 -5.34 -18.40
CA SER B 178 18.32 -5.35 -18.23
C SER B 178 17.23 -4.50 -17.57
N TRP B 179 17.72 -3.46 -16.89
CA TRP B 179 16.77 -2.57 -16.18
C TRP B 179 16.05 -1.64 -17.16
N ILE B 180 16.71 -1.22 -18.24
CA ILE B 180 15.98 -0.48 -19.26
C ILE B 180 14.80 -1.31 -19.77
N VAL B 181 15.05 -2.60 -20.02
CA VAL B 181 14.01 -3.49 -20.49
C VAL B 181 12.91 -3.67 -19.44
N ARG B 182 13.31 -3.95 -18.22
CA ARG B 182 12.36 -4.28 -17.14
CA ARG B 182 12.37 -4.29 -17.13
C ARG B 182 11.59 -3.08 -16.63
N TYR B 183 12.12 -1.88 -16.86
CA TYR B 183 11.47 -0.64 -16.45
C TYR B 183 10.82 0.08 -17.64
N ALA B 184 11.65 0.58 -18.56
CA ALA B 184 11.14 1.43 -19.65
C ALA B 184 10.39 0.64 -20.74
N ASP B 185 10.99 -0.44 -21.25
CA ASP B 185 10.29 -1.20 -22.27
C ASP B 185 9.03 -1.85 -21.72
N GLU B 186 9.06 -2.26 -20.46
CA GLU B 186 7.89 -2.79 -19.79
C GLU B 186 6.78 -1.73 -19.72
N THR B 187 7.15 -0.50 -19.34
CA THR B 187 6.16 0.61 -19.29
C THR B 187 5.48 0.76 -20.63
N ALA B 188 6.27 0.79 -21.69
CA ALA B 188 5.73 1.00 -23.02
C ALA B 188 4.73 -0.11 -23.37
N ALA B 189 5.08 -1.38 -23.13
CA ALA B 189 4.21 -2.48 -23.47
C ALA B 189 2.94 -2.48 -22.62
N LEU B 190 3.08 -2.19 -21.33
CA LEU B 190 1.94 -2.09 -20.43
C LEU B 190 0.96 -1.06 -20.93
N GLY B 191 1.48 0.13 -21.31
CA GLY B 191 0.60 1.17 -21.81
C GLY B 191 -0.18 0.76 -23.04
N ALA B 192 0.53 0.08 -23.95
CA ALA B 192 -0.12 -0.32 -25.19
C ALA B 192 -1.28 -1.29 -24.98
N TRP B 193 -1.21 -2.10 -23.94
CA TRP B 193 -2.35 -3.02 -23.61
C TRP B 193 -3.64 -2.26 -23.42
N TYR B 194 -3.57 -1.09 -22.79
CA TYR B 194 -4.80 -0.32 -22.56
C TYR B 194 -5.41 0.12 -23.89
N LEU B 195 -4.58 0.55 -24.82
CA LEU B 195 -5.07 1.06 -26.11
C LEU B 195 -5.55 -0.06 -27.03
N ARG B 196 -4.75 -1.13 -27.12
CA ARG B 196 -5.08 -2.18 -28.06
CA ARG B 196 -5.03 -2.27 -27.99
C ARG B 196 -6.34 -2.93 -27.64
N ASN B 197 -6.65 -2.98 -26.34
CA ASN B 197 -7.77 -3.76 -25.86
C ASN B 197 -8.89 -2.93 -25.25
N ASN B 198 -8.98 -1.65 -25.65
CA ASN B 198 -10.18 -0.86 -25.34
CA ASN B 198 -10.11 -0.78 -25.33
C ASN B 198 -10.35 -0.64 -23.85
N HIS B 199 -9.24 -0.42 -23.10
CA HIS B 199 -9.29 -0.14 -21.67
C HIS B 199 -8.89 1.29 -21.36
N MET B 200 -9.26 2.25 -22.23
CA MET B 200 -8.82 3.62 -22.03
C MET B 200 -9.68 4.34 -21.00
N SER B 201 -10.83 3.81 -20.61
CA SER B 201 -11.67 4.50 -19.63
CA SER B 201 -11.72 4.51 -19.67
C SER B 201 -12.23 3.62 -18.53
N ASP B 202 -12.14 2.32 -18.68
CA ASP B 202 -12.77 1.37 -17.76
C ASP B 202 -11.90 1.14 -16.49
N ASP B 203 -12.33 0.22 -15.63
CA ASP B 203 -11.61 -0.10 -14.39
C ASP B 203 -10.60 -1.22 -14.54
N GLU B 204 -10.36 -1.65 -15.78
CA GLU B 204 -9.46 -2.78 -16.03
C GLU B 204 -7.97 -2.31 -16.00
N PHE B 205 -7.13 -3.19 -15.48
CA PHE B 205 -5.71 -2.88 -15.37
C PHE B 205 -4.89 -4.15 -15.59
N THR B 206 -3.65 -3.90 -16.05
CA THR B 206 -2.62 -4.88 -16.09
C THR B 206 -1.53 -4.59 -15.02
N TRP B 207 -0.39 -5.23 -15.13
CA TRP B 207 0.63 -5.17 -14.09
C TRP B 207 1.94 -5.65 -14.62
N ASP B 208 3.03 -5.23 -13.95
CA ASP B 208 4.35 -5.66 -14.30
C ASP B 208 4.42 -7.16 -14.41
N THR B 209 4.97 -7.62 -15.55
CA THR B 209 5.15 -9.06 -15.87
C THR B 209 3.88 -9.80 -16.23
N ASP B 210 2.73 -9.16 -16.34
CA ASP B 210 1.49 -9.87 -16.68
C ASP B 210 1.67 -10.60 -17.99
N PRO B 211 1.40 -11.90 -18.02
CA PRO B 211 1.56 -12.62 -19.26
C PRO B 211 0.46 -12.18 -20.29
N ARG B 212 -0.61 -11.49 -19.92
CA ARG B 212 -1.60 -11.05 -20.90
C ARG B 212 -1.03 -9.97 -21.88
N VAL B 213 0.14 -9.40 -21.58
CA VAL B 213 0.62 -8.25 -22.32
C VAL B 213 1.53 -8.64 -23.47
N ASP B 214 1.22 -8.08 -24.63
CA ASP B 214 2.01 -8.28 -25.79
CA ASP B 214 2.08 -8.26 -25.87
C ASP B 214 3.31 -7.40 -25.72
N ARG B 215 4.48 -8.04 -25.76
CA ARG B 215 5.75 -7.39 -25.62
C ARG B 215 6.56 -7.48 -26.87
N SER B 216 5.95 -7.84 -28.02
CA SER B 216 6.66 -8.10 -29.24
C SER B 216 7.21 -6.85 -29.83
N ASN B 217 6.56 -5.70 -29.64
CA ASN B 217 7.03 -4.45 -30.22
C ASN B 217 6.58 -3.30 -29.28
N PRO B 218 7.26 -3.14 -28.14
CA PRO B 218 6.69 -2.36 -27.06
C PRO B 218 6.37 -0.90 -27.43
N TRP B 219 7.16 -0.30 -28.31
CA TRP B 219 7.07 1.12 -28.65
C TRP B 219 6.21 1.41 -29.87
N GLU B 220 5.65 0.34 -30.48
CA GLU B 220 4.91 0.46 -31.73
C GLU B 220 3.83 1.51 -31.78
N ILE B 221 3.00 1.55 -30.78
CA ILE B 221 1.80 2.35 -30.87
C ILE B 221 2.04 3.84 -30.82
N TYR B 222 3.18 4.27 -30.28
CA TYR B 222 3.30 5.63 -29.82
C TYR B 222 3.63 6.66 -30.87
N TYR B 223 4.17 6.23 -32.02
CA TYR B 223 4.74 7.15 -33.00
C TYR B 223 4.19 6.94 -34.39
#